data_2KNZ
#
_entry.id   2KNZ
#
_entity_poly.entity_id   1
_entity_poly.type   'polypeptide(L)'
_entity_poly.pdbx_seq_one_letter_code
;GPLGSMPEVRFQQQLEQLNSMGFINREANLQALIATGGDINAAIERLLGSQLS
;
_entity_poly.pdbx_strand_id   A
#
# COMPACT_ATOMS: atom_id res chain seq x y z
N GLY A 1 -0.36 -2.89 -24.73
CA GLY A 1 0.26 -2.04 -23.69
C GLY A 1 -0.36 -2.25 -22.33
N PRO A 2 0.35 -2.92 -21.41
CA PRO A 2 -0.12 -3.14 -20.03
C PRO A 2 -0.37 -1.81 -19.32
N LEU A 3 -1.58 -1.64 -18.83
CA LEU A 3 -2.00 -0.38 -18.25
C LEU A 3 -1.59 -0.28 -16.78
N GLY A 4 -0.64 0.59 -16.49
CA GLY A 4 -0.30 0.91 -15.12
C GLY A 4 -1.30 1.87 -14.53
N SER A 5 -2.21 2.36 -15.36
CA SER A 5 -3.28 3.22 -14.89
C SER A 5 -4.44 2.33 -14.43
N MET A 6 -4.09 1.33 -13.66
CA MET A 6 -5.03 0.43 -13.01
C MET A 6 -4.42 0.07 -11.67
N PRO A 7 -4.31 1.06 -10.79
CA PRO A 7 -3.45 1.01 -9.60
C PRO A 7 -3.68 -0.21 -8.71
N GLU A 8 -4.93 -0.68 -8.61
CA GLU A 8 -5.22 -1.82 -7.73
C GLU A 8 -4.60 -3.11 -8.24
N VAL A 9 -4.21 -3.15 -9.51
CA VAL A 9 -3.51 -4.31 -10.04
C VAL A 9 -2.15 -4.46 -9.34
N ARG A 10 -1.63 -3.34 -8.84
CA ARG A 10 -0.44 -3.37 -8.00
C ARG A 10 -0.85 -3.23 -6.54
N PHE A 11 -1.70 -2.25 -6.29
CA PHE A 11 -2.08 -1.89 -4.94
C PHE A 11 -2.79 -3.03 -4.24
N GLN A 12 -3.86 -3.54 -4.84
CA GLN A 12 -4.72 -4.49 -4.17
C GLN A 12 -3.97 -5.77 -3.82
N GLN A 13 -2.98 -6.13 -4.62
CA GLN A 13 -2.22 -7.33 -4.35
C GLN A 13 -1.30 -7.09 -3.16
N GLN A 14 -0.65 -5.94 -3.17
CA GLN A 14 0.11 -5.48 -2.02
C GLN A 14 -0.82 -5.28 -0.82
N LEU A 15 -2.09 -5.03 -1.12
CA LEU A 15 -3.08 -4.82 -0.06
C LEU A 15 -3.39 -6.13 0.63
N GLU A 16 -3.39 -7.23 -0.12
CA GLU A 16 -3.53 -8.57 0.45
C GLU A 16 -2.30 -8.90 1.28
N GLN A 17 -1.17 -8.41 0.82
CA GLN A 17 0.09 -8.60 1.53
C GLN A 17 0.07 -7.87 2.87
N LEU A 18 -0.36 -6.61 2.85
CA LEU A 18 -0.53 -5.85 4.09
C LEU A 18 -1.66 -6.47 4.90
N ASN A 19 -2.62 -6.98 4.17
CA ASN A 19 -3.76 -7.69 4.73
C ASN A 19 -3.29 -8.85 5.60
N SER A 20 -2.14 -9.35 5.24
CA SER A 20 -1.50 -10.46 5.94
C SER A 20 -0.79 -9.96 7.18
N MET A 21 -0.54 -8.67 7.18
CA MET A 21 0.27 -8.02 8.18
C MET A 21 -0.61 -7.35 9.23
N GLY A 22 -1.91 -7.56 9.08
CA GLY A 22 -2.85 -7.01 10.01
C GLY A 22 -3.30 -5.64 9.59
N PHE A 23 -3.06 -5.32 8.33
CA PHE A 23 -3.47 -4.05 7.77
C PHE A 23 -4.63 -4.28 6.81
N ILE A 24 -5.82 -3.94 7.27
CA ILE A 24 -7.04 -4.17 6.51
C ILE A 24 -7.77 -2.87 6.25
N ASN A 25 -7.16 -1.77 6.66
CA ASN A 25 -7.68 -0.46 6.31
C ASN A 25 -7.28 -0.20 4.88
N ARG A 26 -8.04 -0.75 3.95
CA ARG A 26 -7.75 -0.63 2.54
C ARG A 26 -7.32 0.78 2.18
N GLU A 27 -8.11 1.74 2.66
CA GLU A 27 -7.80 3.16 2.51
C GLU A 27 -6.34 3.43 2.88
N ALA A 28 -5.95 3.08 4.10
CA ALA A 28 -4.59 3.32 4.57
C ALA A 28 -3.58 2.55 3.75
N ASN A 29 -3.83 1.25 3.57
CA ASN A 29 -2.98 0.37 2.79
C ASN A 29 -2.64 0.99 1.42
N LEU A 30 -3.64 1.22 0.59
CA LEU A 30 -3.38 1.67 -0.77
C LEU A 30 -2.98 3.14 -0.82
N GLN A 31 -3.36 3.94 0.17
CA GLN A 31 -2.90 5.33 0.25
C GLN A 31 -1.39 5.35 0.46
N ALA A 32 -0.94 4.34 1.19
CA ALA A 32 0.47 4.18 1.45
C ALA A 32 1.14 3.76 0.17
N LEU A 33 0.44 2.93 -0.57
CA LEU A 33 0.91 2.49 -1.87
C LEU A 33 0.79 3.59 -2.91
N ILE A 34 -0.07 4.57 -2.68
CA ILE A 34 -0.19 5.71 -3.59
C ILE A 34 1.07 6.55 -3.54
N ALA A 35 1.49 6.88 -2.32
CA ALA A 35 2.67 7.71 -2.15
C ALA A 35 3.97 6.92 -2.36
N THR A 36 3.86 5.59 -2.37
CA THR A 36 5.05 4.76 -2.62
C THR A 36 5.04 4.17 -4.04
N GLY A 37 3.87 4.17 -4.67
CA GLY A 37 3.74 3.70 -6.05
C GLY A 37 4.00 2.21 -6.21
N GLY A 38 3.59 1.43 -5.21
CA GLY A 38 3.73 -0.01 -5.30
C GLY A 38 4.89 -0.51 -4.49
N ASP A 39 5.44 0.38 -3.68
CA ASP A 39 6.56 0.04 -2.83
C ASP A 39 5.98 -0.36 -1.51
N ILE A 40 5.64 -1.62 -1.42
CA ILE A 40 4.90 -2.12 -0.31
C ILE A 40 5.72 -2.06 0.97
N ASN A 41 7.02 -2.07 0.81
CA ASN A 41 7.91 -2.00 1.95
C ASN A 41 7.71 -0.67 2.64
N ALA A 42 7.79 0.40 1.86
CA ALA A 42 7.58 1.73 2.37
C ALA A 42 6.12 1.94 2.75
N ALA A 43 5.21 1.29 2.02
CA ALA A 43 3.81 1.28 2.40
C ALA A 43 3.63 0.85 3.87
N ILE A 44 4.24 -0.28 4.22
CA ILE A 44 4.18 -0.77 5.60
C ILE A 44 4.82 0.24 6.53
N GLU A 45 6.00 0.72 6.16
CA GLU A 45 6.75 1.66 6.98
C GLU A 45 6.00 2.97 7.15
N ARG A 46 5.07 3.25 6.25
CA ARG A 46 4.22 4.42 6.38
C ARG A 46 3.09 4.15 7.36
N LEU A 47 2.61 2.92 7.37
CA LEU A 47 1.56 2.53 8.31
C LEU A 47 2.12 2.42 9.71
N LEU A 48 3.37 1.95 9.81
CA LEU A 48 4.03 1.79 11.09
C LEU A 48 4.61 3.11 11.53
N GLY A 49 5.15 3.85 10.56
CA GLY A 49 5.87 5.06 10.86
C GLY A 49 4.97 6.28 10.91
N SER A 50 4.11 6.41 9.90
CA SER A 50 3.25 7.58 9.82
C SER A 50 1.87 7.27 10.39
N GLN A 51 1.79 7.28 11.70
CA GLN A 51 0.53 7.10 12.38
C GLN A 51 0.32 8.30 13.28
N LEU A 52 -0.22 9.34 12.69
CA LEU A 52 -0.33 10.61 13.34
C LEU A 52 -1.67 10.74 14.06
N SER A 53 -1.66 10.34 15.32
CA SER A 53 -2.84 10.40 16.16
C SER A 53 -2.54 11.23 17.41
N GLY A 1 -1.83 11.28 -12.36
CA GLY A 1 -2.75 10.29 -11.74
C GLY A 1 -2.02 9.03 -11.32
N PRO A 2 -2.76 7.92 -11.12
CA PRO A 2 -2.15 6.63 -10.80
C PRO A 2 -1.39 6.05 -12.00
N LEU A 3 -0.58 5.03 -11.76
CA LEU A 3 0.19 4.42 -12.83
C LEU A 3 -0.72 3.71 -13.82
N GLY A 4 -0.97 4.38 -14.93
CA GLY A 4 -1.75 3.80 -15.99
C GLY A 4 -3.07 3.24 -15.52
N SER A 5 -3.41 2.08 -16.04
CA SER A 5 -4.63 1.39 -15.64
C SER A 5 -4.29 0.10 -14.91
N MET A 6 -3.46 0.21 -13.88
CA MET A 6 -3.05 -0.93 -13.10
C MET A 6 -2.91 -0.58 -11.60
N PRO A 7 -3.84 0.23 -11.02
CA PRO A 7 -3.73 0.69 -9.64
C PRO A 7 -4.33 -0.28 -8.63
N GLU A 8 -4.57 -1.49 -9.08
CA GLU A 8 -4.85 -2.60 -8.18
C GLU A 8 -4.08 -3.83 -8.62
N VAL A 9 -3.57 -3.76 -9.86
CA VAL A 9 -2.67 -4.78 -10.37
C VAL A 9 -1.39 -4.78 -9.52
N ARG A 10 -1.02 -3.60 -9.00
CA ARG A 10 0.05 -3.53 -8.03
C ARG A 10 -0.53 -3.38 -6.63
N PHE A 11 -1.44 -2.43 -6.47
CA PHE A 11 -1.95 -2.08 -5.16
C PHE A 11 -2.65 -3.25 -4.48
N GLN A 12 -3.63 -3.84 -5.15
CA GLN A 12 -4.49 -4.83 -4.52
C GLN A 12 -3.69 -6.02 -4.01
N GLN A 13 -2.71 -6.45 -4.81
CA GLN A 13 -1.86 -7.56 -4.43
C GLN A 13 -1.09 -7.22 -3.17
N GLN A 14 -0.49 -6.04 -3.18
CA GLN A 14 0.23 -5.55 -2.01
C GLN A 14 -0.72 -5.29 -0.84
N LEU A 15 -1.98 -5.02 -1.16
CA LEU A 15 -3.00 -4.75 -0.16
C LEU A 15 -3.41 -6.02 0.55
N GLU A 16 -3.44 -7.13 -0.18
CA GLU A 16 -3.70 -8.44 0.42
C GLU A 16 -2.50 -8.88 1.23
N GLN A 17 -1.34 -8.40 0.82
CA GLN A 17 -0.12 -8.61 1.56
C GLN A 17 -0.20 -7.93 2.92
N LEU A 18 -0.52 -6.63 2.91
CA LEU A 18 -0.70 -5.87 4.15
C LEU A 18 -1.85 -6.47 4.93
N ASN A 19 -2.85 -6.86 4.17
CA ASN A 19 -4.03 -7.54 4.70
C ASN A 19 -3.63 -8.70 5.59
N SER A 20 -2.55 -9.36 5.19
CA SER A 20 -2.07 -10.54 5.89
C SER A 20 -1.14 -10.12 7.04
N MET A 21 -0.63 -8.90 6.93
CA MET A 21 0.26 -8.32 7.93
C MET A 21 -0.52 -7.95 9.17
N GLY A 22 -1.83 -7.81 8.99
CA GLY A 22 -2.68 -7.30 10.04
C GLY A 22 -3.13 -5.89 9.71
N PHE A 23 -2.96 -5.52 8.44
CA PHE A 23 -3.35 -4.21 7.96
C PHE A 23 -4.49 -4.34 6.96
N ILE A 24 -5.67 -3.95 7.39
CA ILE A 24 -6.88 -4.12 6.59
C ILE A 24 -7.59 -2.79 6.41
N ASN A 25 -6.93 -1.73 6.82
CA ASN A 25 -7.41 -0.39 6.55
C ASN A 25 -7.11 -0.08 5.10
N ARG A 26 -7.95 -0.59 4.20
CA ARG A 26 -7.70 -0.50 2.77
C ARG A 26 -7.29 0.90 2.38
N GLU A 27 -8.02 1.87 2.89
CA GLU A 27 -7.76 3.27 2.61
C GLU A 27 -6.32 3.62 2.97
N ALA A 28 -5.89 3.21 4.16
CA ALA A 28 -4.55 3.48 4.63
C ALA A 28 -3.53 2.68 3.83
N ASN A 29 -3.85 1.40 3.62
CA ASN A 29 -2.99 0.50 2.87
C ASN A 29 -2.64 1.07 1.51
N LEU A 30 -3.66 1.24 0.66
CA LEU A 30 -3.40 1.63 -0.72
C LEU A 30 -3.00 3.09 -0.83
N GLN A 31 -3.39 3.93 0.13
CA GLN A 31 -2.94 5.32 0.12
C GLN A 31 -1.45 5.38 0.38
N ALA A 32 -0.97 4.39 1.11
CA ALA A 32 0.44 4.29 1.39
C ALA A 32 1.14 3.81 0.14
N LEU A 33 0.42 2.99 -0.62
CA LEU A 33 0.89 2.52 -1.90
C LEU A 33 0.74 3.60 -2.97
N ILE A 34 -0.13 4.58 -2.73
CA ILE A 34 -0.29 5.69 -3.66
C ILE A 34 0.91 6.62 -3.54
N ALA A 35 1.36 6.80 -2.30
CA ALA A 35 2.50 7.66 -2.03
C ALA A 35 3.81 6.95 -2.35
N THR A 36 3.80 5.62 -2.39
CA THR A 36 5.01 4.85 -2.68
C THR A 36 4.99 4.31 -4.12
N GLY A 37 3.80 4.25 -4.70
CA GLY A 37 3.65 3.78 -6.07
C GLY A 37 3.85 2.28 -6.21
N GLY A 38 3.54 1.52 -5.17
CA GLY A 38 3.64 0.08 -5.27
C GLY A 38 4.86 -0.45 -4.56
N ASP A 39 5.40 0.34 -3.64
CA ASP A 39 6.50 -0.11 -2.83
C ASP A 39 5.94 -0.43 -1.47
N ILE A 40 5.53 -1.67 -1.34
CA ILE A 40 4.76 -2.07 -0.19
C ILE A 40 5.58 -2.01 1.08
N ASN A 41 6.88 -2.14 0.96
CA ASN A 41 7.76 -2.08 2.10
C ASN A 41 7.66 -0.69 2.71
N ALA A 42 7.79 0.31 1.86
CA ALA A 42 7.68 1.70 2.28
C ALA A 42 6.24 2.01 2.67
N ALA A 43 5.28 1.37 2.01
CA ALA A 43 3.87 1.46 2.41
C ALA A 43 3.70 1.08 3.89
N ILE A 44 4.28 -0.04 4.31
CA ILE A 44 4.21 -0.47 5.70
C ILE A 44 4.94 0.53 6.59
N GLU A 45 6.09 1.01 6.11
CA GLU A 45 6.87 2.01 6.84
C GLU A 45 6.08 3.29 7.03
N ARG A 46 5.10 3.53 6.15
CA ARG A 46 4.23 4.68 6.31
C ARG A 46 3.09 4.38 7.28
N LEU A 47 2.64 3.14 7.29
CA LEU A 47 1.57 2.73 8.18
C LEU A 47 2.04 2.71 9.64
N LEU A 48 3.27 2.29 9.86
CA LEU A 48 3.86 2.32 11.19
C LEU A 48 4.54 3.64 11.46
N GLY A 49 5.17 4.18 10.44
CA GLY A 49 5.97 5.36 10.61
C GLY A 49 5.16 6.65 10.62
N SER A 50 4.25 6.77 9.67
CA SER A 50 3.46 7.98 9.55
C SER A 50 2.11 7.81 10.23
N GLN A 51 2.12 7.90 11.54
CA GLN A 51 0.91 7.76 12.32
C GLN A 51 0.55 9.10 12.94
N LEU A 52 -0.14 9.90 12.16
CA LEU A 52 -0.47 11.24 12.57
C LEU A 52 -1.96 11.35 12.86
N SER A 53 -2.31 10.93 14.06
CA SER A 53 -3.70 10.93 14.49
C SER A 53 -3.94 12.01 15.55
N GLY A 1 2.18 -1.22 -23.54
CA GLY A 1 2.60 -1.45 -22.14
C GLY A 1 1.43 -1.58 -21.20
N PRO A 2 1.65 -2.10 -19.99
CA PRO A 2 0.60 -2.18 -18.96
C PRO A 2 0.12 -0.79 -18.55
N LEU A 3 -1.08 -0.75 -17.97
CA LEU A 3 -1.67 0.51 -17.59
C LEU A 3 -1.45 0.81 -16.12
N GLY A 4 -0.73 1.89 -15.86
CA GLY A 4 -0.59 2.37 -14.50
C GLY A 4 -1.89 2.94 -13.97
N SER A 5 -2.85 3.13 -14.86
CA SER A 5 -4.17 3.59 -14.47
C SER A 5 -5.03 2.39 -14.13
N MET A 6 -4.46 1.51 -13.32
CA MET A 6 -5.16 0.37 -12.76
C MET A 6 -4.59 0.14 -11.36
N PRO A 7 -4.80 1.11 -10.47
CA PRO A 7 -4.14 1.16 -9.17
C PRO A 7 -4.27 -0.12 -8.36
N GLU A 8 -5.44 -0.76 -8.40
CA GLU A 8 -5.67 -1.93 -7.56
C GLU A 8 -5.17 -3.22 -8.21
N VAL A 9 -4.55 -3.10 -9.37
CA VAL A 9 -3.87 -4.24 -9.98
C VAL A 9 -2.48 -4.36 -9.34
N ARG A 10 -1.97 -3.25 -8.84
CA ARG A 10 -0.73 -3.24 -8.08
C ARG A 10 -1.05 -3.19 -6.60
N PHE A 11 -1.83 -2.19 -6.23
CA PHE A 11 -2.11 -1.89 -4.84
C PHE A 11 -2.82 -3.05 -4.17
N GLN A 12 -3.96 -3.48 -4.71
CA GLN A 12 -4.79 -4.47 -4.03
C GLN A 12 -4.03 -5.78 -3.78
N GLN A 13 -3.12 -6.13 -4.69
CA GLN A 13 -2.30 -7.32 -4.49
C GLN A 13 -1.43 -7.13 -3.26
N GLN A 14 -0.78 -5.99 -3.21
CA GLN A 14 0.00 -5.64 -2.03
C GLN A 14 -0.92 -5.37 -0.83
N LEU A 15 -2.18 -5.06 -1.09
CA LEU A 15 -3.13 -4.81 -0.01
C LEU A 15 -3.53 -6.11 0.66
N GLU A 16 -3.53 -7.19 -0.12
CA GLU A 16 -3.72 -8.53 0.43
C GLU A 16 -2.47 -8.94 1.19
N GLN A 17 -1.34 -8.43 0.74
CA GLN A 17 -0.09 -8.65 1.44
C GLN A 17 -0.12 -7.96 2.81
N LEU A 18 -0.54 -6.69 2.83
CA LEU A 18 -0.65 -5.95 4.09
C LEU A 18 -1.80 -6.54 4.90
N ASN A 19 -2.79 -7.02 4.17
CA ASN A 19 -3.92 -7.76 4.72
C ASN A 19 -3.41 -8.87 5.63
N SER A 20 -2.31 -9.45 5.21
CA SER A 20 -1.70 -10.56 5.92
C SER A 20 -0.75 -10.05 7.01
N MET A 21 -0.58 -8.73 7.05
CA MET A 21 0.28 -8.09 8.04
C MET A 21 -0.59 -7.60 9.20
N GLY A 22 -1.89 -7.69 9.00
CA GLY A 22 -2.82 -7.17 9.97
C GLY A 22 -3.30 -5.77 9.59
N PHE A 23 -3.07 -5.41 8.34
CA PHE A 23 -3.52 -4.14 7.81
C PHE A 23 -4.66 -4.37 6.83
N ILE A 24 -5.85 -3.96 7.23
CA ILE A 24 -7.05 -4.22 6.46
C ILE A 24 -7.82 -2.94 6.21
N ASN A 25 -7.27 -1.83 6.69
CA ASN A 25 -7.72 -0.53 6.25
C ASN A 25 -7.24 -0.34 4.82
N ARG A 26 -7.95 -0.97 3.91
CA ARG A 26 -7.62 -0.93 2.49
C ARG A 26 -7.36 0.50 2.07
N GLU A 27 -8.10 1.41 2.67
CA GLU A 27 -7.90 2.83 2.51
C GLU A 27 -6.45 3.24 2.79
N ALA A 28 -6.00 3.02 4.02
CA ALA A 28 -4.70 3.47 4.44
C ALA A 28 -3.61 2.65 3.76
N ASN A 29 -3.87 1.34 3.60
CA ASN A 29 -2.97 0.45 2.88
C ASN A 29 -2.59 1.05 1.53
N LEU A 30 -3.56 1.21 0.64
CA LEU A 30 -3.24 1.64 -0.71
C LEU A 30 -2.88 3.10 -0.78
N GLN A 31 -3.35 3.92 0.15
CA GLN A 31 -2.94 5.33 0.19
C GLN A 31 -1.43 5.41 0.38
N ALA A 32 -0.93 4.47 1.16
CA ALA A 32 0.49 4.38 1.43
C ALA A 32 1.20 3.86 0.20
N LEU A 33 0.51 2.99 -0.54
CA LEU A 33 1.01 2.49 -1.79
C LEU A 33 0.87 3.53 -2.89
N ILE A 34 -0.03 4.50 -2.72
CA ILE A 34 -0.14 5.59 -3.68
C ILE A 34 1.08 6.49 -3.56
N ALA A 35 1.50 6.72 -2.33
CA ALA A 35 2.65 7.56 -2.08
C ALA A 35 3.95 6.85 -2.50
N THR A 36 3.98 5.53 -2.37
CA THR A 36 5.19 4.77 -2.69
C THR A 36 5.14 4.20 -4.10
N GLY A 37 3.95 4.12 -4.66
CA GLY A 37 3.76 3.57 -5.99
C GLY A 37 3.88 2.06 -6.02
N GLY A 38 3.47 1.40 -4.94
CA GLY A 38 3.49 -0.04 -4.91
C GLY A 38 4.73 -0.56 -4.25
N ASP A 39 5.47 0.35 -3.64
CA ASP A 39 6.63 -0.03 -2.86
C ASP A 39 6.14 -0.33 -1.48
N ILE A 40 5.76 -1.56 -1.28
CA ILE A 40 5.00 -1.91 -0.11
C ILE A 40 5.86 -1.85 1.15
N ASN A 41 7.18 -1.95 1.00
CA ASN A 41 8.08 -1.85 2.14
C ASN A 41 7.95 -0.46 2.73
N ALA A 42 8.07 0.54 1.86
CA ALA A 42 7.92 1.92 2.26
C ALA A 42 6.48 2.17 2.70
N ALA A 43 5.54 1.49 2.05
CA ALA A 43 4.13 1.58 2.42
C ALA A 43 3.91 1.16 3.88
N ILE A 44 4.47 0.00 4.26
CA ILE A 44 4.29 -0.50 5.63
C ILE A 44 4.91 0.47 6.62
N GLU A 45 6.12 0.93 6.32
CA GLU A 45 6.82 1.83 7.23
C GLU A 45 6.13 3.19 7.28
N ARG A 46 5.33 3.49 6.26
CA ARG A 46 4.52 4.71 6.29
C ARG A 46 3.30 4.50 7.18
N LEU A 47 2.76 3.29 7.15
CA LEU A 47 1.61 2.95 7.98
C LEU A 47 1.96 3.01 9.45
N LEU A 48 3.05 2.36 9.82
CA LEU A 48 3.49 2.37 11.21
C LEU A 48 4.18 3.68 11.55
N GLY A 49 4.94 4.19 10.60
CA GLY A 49 5.73 5.37 10.84
C GLY A 49 4.91 6.64 10.86
N SER A 50 4.10 6.83 9.83
CA SER A 50 3.26 8.01 9.73
C SER A 50 1.80 7.60 9.67
N GLN A 51 1.29 7.11 10.80
CA GLN A 51 -0.12 6.84 10.91
C GLN A 51 -0.83 8.16 11.20
N LEU A 52 -1.13 8.86 10.12
CA LEU A 52 -1.63 10.22 10.22
C LEU A 52 -3.12 10.28 9.92
N SER A 53 -3.91 9.99 10.93
CA SER A 53 -5.36 10.04 10.83
C SER A 53 -5.96 10.45 12.17
N GLY A 1 -2.87 -5.04 -21.40
CA GLY A 1 -3.45 -4.08 -20.43
C GLY A 1 -2.78 -2.72 -20.50
N PRO A 2 -3.36 -1.70 -19.86
CA PRO A 2 -2.78 -0.35 -19.85
C PRO A 2 -1.49 -0.29 -19.06
N LEU A 3 -0.40 -0.06 -19.77
CA LEU A 3 0.91 0.07 -19.14
C LEU A 3 0.94 1.23 -18.14
N GLY A 4 1.02 0.88 -16.87
CA GLY A 4 1.13 1.88 -15.83
C GLY A 4 -0.21 2.31 -15.29
N SER A 5 -1.22 2.35 -16.14
CA SER A 5 -2.55 2.78 -15.75
C SER A 5 -3.33 1.61 -15.16
N MET A 6 -2.72 0.94 -14.20
CA MET A 6 -3.35 -0.17 -13.51
C MET A 6 -2.79 -0.25 -12.08
N PRO A 7 -2.91 0.85 -11.31
CA PRO A 7 -2.25 0.99 -10.02
C PRO A 7 -2.84 0.05 -8.98
N GLU A 8 -4.16 -0.06 -8.96
CA GLU A 8 -4.84 -0.88 -7.96
C GLU A 8 -4.59 -2.35 -8.24
N VAL A 9 -4.20 -2.65 -9.47
CA VAL A 9 -3.81 -4.00 -9.84
C VAL A 9 -2.53 -4.41 -9.09
N ARG A 10 -1.67 -3.42 -8.83
CA ARG A 10 -0.45 -3.65 -8.07
C ARG A 10 -0.73 -3.44 -6.60
N PHE A 11 -1.55 -2.42 -6.34
CA PHE A 11 -1.92 -2.06 -4.98
C PHE A 11 -2.63 -3.21 -4.31
N GLN A 12 -3.65 -3.76 -4.98
CA GLN A 12 -4.45 -4.84 -4.39
C GLN A 12 -3.58 -6.02 -3.99
N GLN A 13 -2.59 -6.35 -4.80
CA GLN A 13 -1.71 -7.47 -4.50
C GLN A 13 -0.94 -7.18 -3.22
N GLN A 14 -0.45 -5.96 -3.12
CA GLN A 14 0.20 -5.54 -1.90
C GLN A 14 -0.82 -5.28 -0.79
N LEU A 15 -2.08 -5.08 -1.15
CA LEU A 15 -3.11 -4.80 -0.16
C LEU A 15 -3.52 -6.07 0.54
N GLU A 16 -3.56 -7.16 -0.21
CA GLU A 16 -3.78 -8.48 0.36
C GLU A 16 -2.56 -8.91 1.17
N GLN A 17 -1.40 -8.42 0.76
CA GLN A 17 -0.18 -8.64 1.49
C GLN A 17 -0.25 -7.94 2.85
N LEU A 18 -0.58 -6.65 2.85
CA LEU A 18 -0.74 -5.90 4.09
C LEU A 18 -1.91 -6.49 4.86
N ASN A 19 -2.88 -6.93 4.10
CA ASN A 19 -4.05 -7.61 4.62
C ASN A 19 -3.63 -8.78 5.49
N SER A 20 -2.55 -9.41 5.10
CA SER A 20 -2.02 -10.58 5.80
C SER A 20 -1.10 -10.14 6.93
N MET A 21 -0.76 -8.87 6.93
CA MET A 21 0.12 -8.28 7.93
C MET A 21 -0.69 -7.75 9.09
N GLY A 22 -2.01 -7.80 8.93
CA GLY A 22 -2.90 -7.27 9.93
C GLY A 22 -3.33 -5.86 9.59
N PHE A 23 -3.12 -5.50 8.34
CA PHE A 23 -3.51 -4.20 7.83
C PHE A 23 -4.65 -4.36 6.83
N ILE A 24 -5.83 -3.98 7.25
CA ILE A 24 -7.05 -4.19 6.46
C ILE A 24 -7.82 -2.91 6.27
N ASN A 25 -7.23 -1.80 6.67
CA ASN A 25 -7.79 -0.52 6.35
C ASN A 25 -7.34 -0.20 4.96
N ARG A 26 -8.08 -0.68 3.98
CA ARG A 26 -7.74 -0.50 2.58
C ARG A 26 -7.29 0.92 2.32
N GLU A 27 -8.06 1.85 2.85
CA GLU A 27 -7.74 3.27 2.78
C GLU A 27 -6.27 3.53 3.12
N ALA A 28 -5.84 3.09 4.29
CA ALA A 28 -4.50 3.36 4.76
C ALA A 28 -3.47 2.59 3.94
N ASN A 29 -3.77 1.31 3.75
CA ASN A 29 -2.94 0.43 2.94
C ASN A 29 -2.61 1.05 1.58
N LEU A 30 -3.63 1.27 0.76
CA LEU A 30 -3.39 1.69 -0.62
C LEU A 30 -2.95 3.15 -0.69
N GLN A 31 -3.36 3.97 0.28
CA GLN A 31 -2.88 5.36 0.32
C GLN A 31 -1.37 5.38 0.46
N ALA A 32 -0.89 4.43 1.22
CA ALA A 32 0.54 4.29 1.44
C ALA A 32 1.19 3.77 0.18
N LEU A 33 0.43 2.98 -0.55
CA LEU A 33 0.89 2.46 -1.82
C LEU A 33 0.74 3.50 -2.91
N ILE A 34 -0.11 4.50 -2.69
CA ILE A 34 -0.22 5.61 -3.62
C ILE A 34 1.04 6.46 -3.53
N ALA A 35 1.46 6.70 -2.29
CA ALA A 35 2.66 7.48 -2.04
C ALA A 35 3.90 6.73 -2.49
N THR A 36 3.85 5.40 -2.50
CA THR A 36 5.00 4.59 -2.87
C THR A 36 4.90 4.05 -4.30
N GLY A 37 3.69 4.03 -4.84
CA GLY A 37 3.47 3.47 -6.17
C GLY A 37 3.58 1.95 -6.17
N GLY A 38 3.30 1.32 -5.02
CA GLY A 38 3.34 -0.12 -4.94
C GLY A 38 4.64 -0.60 -4.36
N ASP A 39 5.32 0.31 -3.69
CA ASP A 39 6.51 -0.06 -2.94
C ASP A 39 6.05 -0.32 -1.52
N ILE A 40 5.67 -1.55 -1.29
CA ILE A 40 4.96 -1.86 -0.09
C ILE A 40 5.85 -1.73 1.12
N ASN A 41 7.16 -1.85 0.91
CA ASN A 41 8.15 -1.62 1.95
C ASN A 41 7.92 -0.26 2.57
N ALA A 42 7.94 0.77 1.74
CA ALA A 42 7.75 2.12 2.20
C ALA A 42 6.30 2.38 2.59
N ALA A 43 5.38 1.56 2.05
CA ALA A 43 4.00 1.57 2.53
C ALA A 43 3.97 1.24 4.03
N ILE A 44 4.66 0.17 4.45
CA ILE A 44 4.71 -0.18 5.87
C ILE A 44 5.53 0.83 6.65
N GLU A 45 6.55 1.37 6.00
CA GLU A 45 7.34 2.43 6.61
C GLU A 45 6.46 3.65 6.88
N ARG A 46 5.36 3.75 6.15
CA ARG A 46 4.38 4.81 6.38
C ARG A 46 3.35 4.38 7.43
N LEU A 47 2.85 3.16 7.31
CA LEU A 47 1.84 2.66 8.25
C LEU A 47 2.39 2.59 9.67
N LEU A 48 3.65 2.20 9.80
CA LEU A 48 4.30 2.10 11.09
C LEU A 48 5.09 3.36 11.42
N GLY A 49 5.68 3.95 10.40
CA GLY A 49 6.56 5.09 10.61
C GLY A 49 5.81 6.40 10.66
N SER A 50 4.90 6.57 9.72
CA SER A 50 4.13 7.79 9.63
C SER A 50 2.79 7.61 10.33
N GLN A 51 2.83 7.65 11.64
CA GLN A 51 1.64 7.47 12.43
C GLN A 51 1.25 8.80 13.03
N LEU A 52 0.51 9.56 12.25
CA LEU A 52 0.16 10.90 12.63
C LEU A 52 -1.28 10.96 13.09
N SER A 53 -1.47 10.59 14.35
CA SER A 53 -2.77 10.67 14.99
C SER A 53 -2.56 10.87 16.49
N GLY A 1 2.34 1.18 -24.32
CA GLY A 1 3.18 0.24 -23.55
C GLY A 1 2.48 -0.21 -22.28
N PRO A 2 3.11 -0.02 -21.12
CA PRO A 2 2.51 -0.35 -19.83
C PRO A 2 1.49 0.70 -19.41
N LEU A 3 0.44 0.27 -18.74
CA LEU A 3 -0.60 1.19 -18.32
C LEU A 3 -0.76 1.18 -16.81
N GLY A 4 -0.41 2.30 -16.20
CA GLY A 4 -0.54 2.44 -14.76
C GLY A 4 -1.95 2.81 -14.37
N SER A 5 -2.86 2.84 -15.35
CA SER A 5 -4.25 3.14 -15.10
C SER A 5 -4.98 1.86 -14.72
N MET A 6 -4.36 1.14 -13.81
CA MET A 6 -4.92 -0.04 -13.20
C MET A 6 -4.40 -0.09 -11.77
N PRO A 7 -4.69 0.96 -10.98
CA PRO A 7 -4.03 1.20 -9.68
C PRO A 7 -4.11 0.00 -8.75
N GLU A 8 -5.26 -0.67 -8.74
CA GLU A 8 -5.49 -1.72 -7.78
C GLU A 8 -4.86 -3.02 -8.23
N VAL A 9 -4.38 -3.07 -9.46
CA VAL A 9 -3.64 -4.25 -9.95
C VAL A 9 -2.29 -4.33 -9.23
N ARG A 10 -1.77 -3.17 -8.84
CA ARG A 10 -0.56 -3.12 -8.04
C ARG A 10 -0.96 -3.06 -6.57
N PHE A 11 -1.87 -2.14 -6.27
CA PHE A 11 -2.26 -1.85 -4.91
C PHE A 11 -2.90 -3.07 -4.24
N GLN A 12 -3.96 -3.63 -4.85
CA GLN A 12 -4.73 -4.70 -4.21
C GLN A 12 -3.86 -5.89 -3.84
N GLN A 13 -2.95 -6.27 -4.73
CA GLN A 13 -2.04 -7.38 -4.46
C GLN A 13 -1.21 -7.09 -3.24
N GLN A 14 -0.69 -5.88 -3.21
CA GLN A 14 0.07 -5.44 -2.05
C GLN A 14 -0.84 -5.17 -0.85
N LEU A 15 -2.12 -4.95 -1.10
CA LEU A 15 -3.08 -4.71 -0.04
C LEU A 15 -3.39 -6.00 0.69
N GLU A 16 -3.46 -7.10 -0.06
CA GLU A 16 -3.63 -8.42 0.54
C GLU A 16 -2.35 -8.80 1.28
N GLN A 17 -1.24 -8.28 0.79
CA GLN A 17 0.03 -8.46 1.46
C GLN A 17 0.04 -7.72 2.79
N LEU A 18 -0.42 -6.47 2.79
CA LEU A 18 -0.55 -5.71 4.04
C LEU A 18 -1.63 -6.33 4.88
N ASN A 19 -2.59 -6.88 4.18
CA ASN A 19 -3.70 -7.61 4.78
C ASN A 19 -3.18 -8.75 5.63
N SER A 20 -2.03 -9.26 5.22
CA SER A 20 -1.39 -10.37 5.91
C SER A 20 -0.57 -9.86 7.09
N MET A 21 -0.26 -8.57 7.03
CA MET A 21 0.53 -7.90 8.06
C MET A 21 -0.35 -7.56 9.25
N GLY A 22 -1.65 -7.58 9.02
CA GLY A 22 -2.59 -7.11 9.99
C GLY A 22 -3.10 -5.74 9.62
N PHE A 23 -2.84 -5.34 8.38
CA PHE A 23 -3.30 -4.07 7.86
C PHE A 23 -4.47 -4.27 6.90
N ILE A 24 -5.65 -3.88 7.35
CA ILE A 24 -6.88 -4.10 6.60
C ILE A 24 -7.64 -2.82 6.38
N ASN A 25 -6.98 -1.69 6.64
CA ASN A 25 -7.56 -0.41 6.33
C ASN A 25 -7.24 -0.13 4.89
N ARG A 26 -8.02 -0.72 4.00
CA ARG A 26 -7.76 -0.65 2.56
C ARG A 26 -7.38 0.75 2.14
N GLU A 27 -8.19 1.70 2.59
CA GLU A 27 -7.94 3.11 2.35
C GLU A 27 -6.49 3.46 2.69
N ALA A 28 -6.08 3.16 3.91
CA ALA A 28 -4.74 3.49 4.38
C ALA A 28 -3.68 2.68 3.63
N ASN A 29 -3.94 1.38 3.50
CA ASN A 29 -3.06 0.48 2.78
C ASN A 29 -2.69 1.05 1.40
N LEU A 30 -3.69 1.21 0.53
CA LEU A 30 -3.40 1.63 -0.83
C LEU A 30 -2.97 3.08 -0.91
N GLN A 31 -3.41 3.92 0.04
CA GLN A 31 -2.97 5.32 0.06
C GLN A 31 -1.47 5.38 0.32
N ALA A 32 -0.99 4.41 1.08
CA ALA A 32 0.43 4.30 1.37
C ALA A 32 1.13 3.78 0.14
N LEU A 33 0.44 2.94 -0.61
CA LEU A 33 0.93 2.47 -1.87
C LEU A 33 0.84 3.55 -2.94
N ILE A 34 -0.03 4.51 -2.75
CA ILE A 34 -0.12 5.64 -3.67
C ILE A 34 1.08 6.55 -3.48
N ALA A 35 1.50 6.69 -2.22
CA ALA A 35 2.66 7.50 -1.90
C ALA A 35 3.96 6.80 -2.28
N THR A 36 3.93 5.48 -2.29
CA THR A 36 5.12 4.68 -2.58
C THR A 36 5.12 4.18 -4.02
N GLY A 37 3.95 4.20 -4.65
CA GLY A 37 3.82 3.76 -6.02
C GLY A 37 3.99 2.26 -6.18
N GLY A 38 3.63 1.50 -5.15
CA GLY A 38 3.70 0.06 -5.27
C GLY A 38 4.91 -0.49 -4.57
N ASP A 39 5.43 0.28 -3.64
CA ASP A 39 6.55 -0.17 -2.83
C ASP A 39 5.98 -0.51 -1.48
N ILE A 40 5.57 -1.75 -1.37
CA ILE A 40 4.79 -2.17 -0.25
C ILE A 40 5.59 -2.12 1.04
N ASN A 41 6.91 -2.23 0.92
CA ASN A 41 7.78 -2.20 2.08
C ASN A 41 7.63 -0.85 2.77
N ALA A 42 7.74 0.20 1.96
CA ALA A 42 7.57 1.54 2.44
C ALA A 42 6.12 1.78 2.85
N ALA A 43 5.19 1.13 2.14
CA ALA A 43 3.78 1.16 2.53
C ALA A 43 3.60 0.73 3.99
N ILE A 44 4.20 -0.41 4.38
CA ILE A 44 4.11 -0.88 5.76
C ILE A 44 4.79 0.11 6.70
N GLU A 45 5.91 0.65 6.26
CA GLU A 45 6.64 1.62 7.06
C GLU A 45 5.85 2.92 7.19
N ARG A 46 4.90 3.14 6.29
CA ARG A 46 4.04 4.31 6.40
C ARG A 46 2.97 4.07 7.47
N LEU A 47 2.35 2.90 7.38
CA LEU A 47 1.25 2.54 8.27
C LEU A 47 1.77 2.28 9.69
N LEU A 48 2.87 1.55 9.77
CA LEU A 48 3.40 1.07 11.04
C LEU A 48 4.33 2.11 11.64
N GLY A 49 5.06 2.80 10.78
CA GLY A 49 6.03 3.77 11.24
C GLY A 49 5.38 5.07 11.63
N SER A 50 4.67 5.66 10.69
CA SER A 50 3.97 6.88 10.95
C SER A 50 2.59 6.56 11.52
N GLN A 51 2.55 6.27 12.82
CA GLN A 51 1.32 5.87 13.47
C GLN A 51 0.90 6.98 14.42
N LEU A 52 0.21 7.94 13.87
CA LEU A 52 -0.15 9.12 14.62
C LEU A 52 -1.62 9.10 14.96
N SER A 53 -1.95 8.45 16.07
CA SER A 53 -3.31 8.35 16.54
C SER A 53 -3.31 8.24 18.06
N GLY A 1 -3.67 -2.92 -24.52
CA GLY A 1 -3.50 -2.91 -23.04
C GLY A 1 -3.46 -1.50 -22.48
N PRO A 2 -4.22 -1.23 -21.41
CA PRO A 2 -4.26 0.07 -20.76
C PRO A 2 -2.94 0.42 -20.07
N LEU A 3 -2.70 1.70 -19.89
CA LEU A 3 -1.49 2.16 -19.22
C LEU A 3 -1.86 2.97 -17.98
N GLY A 4 -1.30 2.58 -16.86
CA GLY A 4 -1.48 3.32 -15.62
C GLY A 4 -2.80 3.04 -14.94
N SER A 5 -3.83 2.81 -15.74
CA SER A 5 -5.15 2.52 -15.23
C SER A 5 -5.26 1.06 -14.80
N MET A 6 -4.35 0.67 -13.92
CA MET A 6 -4.31 -0.65 -13.35
C MET A 6 -3.65 -0.57 -11.97
N PRO A 7 -4.04 0.41 -11.13
CA PRO A 7 -3.35 0.69 -9.88
C PRO A 7 -3.48 -0.46 -8.90
N GLU A 8 -4.71 -0.94 -8.74
CA GLU A 8 -4.99 -2.02 -7.81
C GLU A 8 -4.48 -3.36 -8.35
N VAL A 9 -4.12 -3.38 -9.63
CA VAL A 9 -3.44 -4.53 -10.19
C VAL A 9 -2.09 -4.70 -9.49
N ARG A 10 -1.55 -3.59 -9.00
CA ARG A 10 -0.35 -3.62 -8.17
C ARG A 10 -0.72 -3.45 -6.70
N PHE A 11 -1.56 -2.45 -6.44
CA PHE A 11 -1.92 -2.08 -5.09
C PHE A 11 -2.66 -3.18 -4.36
N GLN A 12 -3.74 -3.68 -4.94
CA GLN A 12 -4.59 -4.65 -4.25
C GLN A 12 -3.80 -5.89 -3.86
N GLN A 13 -2.87 -6.31 -4.72
CA GLN A 13 -2.05 -7.47 -4.42
C GLN A 13 -1.18 -7.20 -3.21
N GLN A 14 -0.65 -5.99 -3.16
CA GLN A 14 0.12 -5.57 -2.00
C GLN A 14 -0.80 -5.25 -0.82
N LEU A 15 -2.07 -4.98 -1.11
CA LEU A 15 -3.05 -4.69 -0.07
C LEU A 15 -3.45 -5.96 0.64
N GLU A 16 -3.54 -7.05 -0.11
CA GLU A 16 -3.80 -8.36 0.45
C GLU A 16 -2.56 -8.87 1.17
N GLN A 17 -1.42 -8.39 0.72
CA GLN A 17 -0.17 -8.65 1.40
C GLN A 17 -0.17 -7.97 2.76
N LEU A 18 -0.49 -6.67 2.78
CA LEU A 18 -0.62 -5.92 4.02
C LEU A 18 -1.75 -6.50 4.84
N ASN A 19 -2.75 -6.95 4.12
CA ASN A 19 -3.91 -7.62 4.69
C ASN A 19 -3.46 -8.80 5.54
N SER A 20 -2.40 -9.43 5.09
CA SER A 20 -1.85 -10.61 5.75
C SER A 20 -0.88 -10.19 6.85
N MET A 21 -0.61 -8.89 6.90
CA MET A 21 0.31 -8.30 7.86
C MET A 21 -0.46 -7.74 9.04
N GLY A 22 -1.78 -7.78 8.93
CA GLY A 22 -2.64 -7.23 9.95
C GLY A 22 -3.06 -5.82 9.59
N PHE A 23 -2.94 -5.48 8.32
CA PHE A 23 -3.35 -4.18 7.82
C PHE A 23 -4.53 -4.35 6.87
N ILE A 24 -5.69 -3.92 7.31
CA ILE A 24 -6.93 -4.15 6.57
C ILE A 24 -7.68 -2.88 6.33
N ASN A 25 -7.13 -1.76 6.80
CA ASN A 25 -7.67 -0.47 6.47
C ASN A 25 -7.25 -0.17 5.05
N ARG A 26 -8.00 -0.71 4.10
CA ARG A 26 -7.71 -0.54 2.68
C ARG A 26 -7.30 0.88 2.38
N GLU A 27 -8.11 1.81 2.88
CA GLU A 27 -7.85 3.24 2.76
C GLU A 27 -6.38 3.54 3.04
N ALA A 28 -5.93 3.17 4.23
CA ALA A 28 -4.58 3.47 4.68
C ALA A 28 -3.56 2.68 3.86
N ASN A 29 -3.80 1.36 3.74
CA ASN A 29 -2.96 0.47 2.95
C ASN A 29 -2.62 1.09 1.59
N LEU A 30 -3.63 1.30 0.75
CA LEU A 30 -3.40 1.74 -0.60
C LEU A 30 -2.97 3.19 -0.67
N GLN A 31 -3.36 4.02 0.30
CA GLN A 31 -2.88 5.41 0.33
C GLN A 31 -1.38 5.42 0.46
N ALA A 32 -0.89 4.45 1.20
CA ALA A 32 0.53 4.32 1.43
C ALA A 32 1.18 3.81 0.16
N LEU A 33 0.44 2.98 -0.57
CA LEU A 33 0.89 2.47 -1.84
C LEU A 33 0.78 3.53 -2.94
N ILE A 34 -0.12 4.50 -2.78
CA ILE A 34 -0.25 5.58 -3.76
C ILE A 34 0.93 6.53 -3.60
N ALA A 35 1.39 6.66 -2.37
CA ALA A 35 2.51 7.53 -2.07
C ALA A 35 3.83 6.85 -2.42
N THR A 36 3.83 5.52 -2.45
CA THR A 36 5.05 4.76 -2.74
C THR A 36 5.05 4.19 -4.16
N GLY A 37 3.87 4.11 -4.77
CA GLY A 37 3.74 3.60 -6.12
C GLY A 37 4.00 2.11 -6.21
N GLY A 38 3.65 1.37 -5.16
CA GLY A 38 3.79 -0.06 -5.22
C GLY A 38 5.10 -0.50 -4.61
N ASP A 39 5.48 0.17 -3.55
CA ASP A 39 6.62 -0.23 -2.76
C ASP A 39 6.11 -0.50 -1.40
N ILE A 40 5.67 -1.71 -1.22
CA ILE A 40 4.89 -2.08 -0.08
C ILE A 40 5.69 -1.97 1.20
N ASN A 41 7.01 -2.06 1.11
CA ASN A 41 7.87 -1.91 2.28
C ASN A 41 7.70 -0.51 2.84
N ALA A 42 7.82 0.47 1.95
CA ALA A 42 7.64 1.85 2.31
C ALA A 42 6.18 2.13 2.67
N ALA A 43 5.26 1.42 2.02
CA ALA A 43 3.85 1.48 2.39
C ALA A 43 3.66 1.13 3.87
N ILE A 44 4.25 0.00 4.31
CA ILE A 44 4.13 -0.44 5.69
C ILE A 44 4.76 0.56 6.65
N GLU A 45 5.90 1.11 6.24
CA GLU A 45 6.63 2.03 7.11
C GLU A 45 5.91 3.37 7.19
N ARG A 46 5.05 3.65 6.22
CA ARG A 46 4.20 4.85 6.27
C ARG A 46 2.94 4.57 7.09
N LEU A 47 2.54 3.31 7.12
CA LEU A 47 1.42 2.88 7.95
C LEU A 47 1.81 2.93 9.42
N LEU A 48 3.01 2.44 9.71
CA LEU A 48 3.61 2.59 11.02
C LEU A 48 3.94 4.05 11.24
N GLY A 49 4.34 4.72 10.18
CA GLY A 49 4.73 6.09 10.27
C GLY A 49 6.03 6.23 11.00
N SER A 50 7.10 5.82 10.31
CA SER A 50 8.45 5.80 10.85
C SER A 50 8.70 6.93 11.84
N GLN A 51 8.63 6.57 13.11
CA GLN A 51 8.80 7.51 14.20
C GLN A 51 10.11 7.21 14.90
N LEU A 52 11.16 7.84 14.44
CA LEU A 52 12.48 7.55 14.93
C LEU A 52 13.12 8.81 15.50
N SER A 53 12.92 8.97 16.80
CA SER A 53 13.49 10.07 17.59
C SER A 53 12.61 11.32 17.47
N GLY A 1 3.08 5.44 -24.23
CA GLY A 1 3.18 5.43 -22.75
C GLY A 1 3.00 4.04 -22.18
N PRO A 2 3.63 3.76 -21.03
CA PRO A 2 3.52 2.47 -20.37
C PRO A 2 2.21 2.32 -19.60
N LEU A 3 1.83 1.09 -19.31
CA LEU A 3 0.59 0.81 -18.61
C LEU A 3 0.74 1.10 -17.12
N GLY A 4 0.25 2.25 -16.70
CA GLY A 4 0.18 2.55 -15.29
C GLY A 4 -1.26 2.67 -14.82
N SER A 5 -2.18 2.54 -15.76
CA SER A 5 -3.60 2.66 -15.46
C SER A 5 -4.15 1.33 -14.95
N MET A 6 -3.46 0.77 -13.97
CA MET A 6 -3.86 -0.47 -13.33
C MET A 6 -3.48 -0.41 -11.85
N PRO A 7 -3.96 0.61 -11.12
CA PRO A 7 -3.49 0.87 -9.75
C PRO A 7 -3.76 -0.31 -8.82
N GLU A 8 -4.88 -0.97 -9.00
CA GLU A 8 -5.25 -2.07 -8.10
C GLU A 8 -4.58 -3.37 -8.50
N VAL A 9 -3.98 -3.38 -9.69
CA VAL A 9 -3.20 -4.52 -10.13
C VAL A 9 -1.86 -4.54 -9.40
N ARG A 10 -1.47 -3.39 -8.87
CA ARG A 10 -0.29 -3.29 -8.03
C ARG A 10 -0.72 -3.19 -6.58
N PHE A 11 -1.56 -2.19 -6.31
CA PHE A 11 -1.94 -1.86 -4.95
C PHE A 11 -2.67 -3.00 -4.29
N GLN A 12 -3.74 -3.50 -4.90
CA GLN A 12 -4.59 -4.50 -4.27
C GLN A 12 -3.81 -5.76 -3.90
N GLN A 13 -2.82 -6.12 -4.73
CA GLN A 13 -1.99 -7.29 -4.45
C GLN A 13 -1.20 -7.04 -3.18
N GLN A 14 -0.58 -5.87 -3.13
CA GLN A 14 0.13 -5.46 -1.93
C GLN A 14 -0.85 -5.16 -0.77
N LEU A 15 -2.11 -4.93 -1.11
CA LEU A 15 -3.13 -4.71 -0.09
C LEU A 15 -3.46 -6.00 0.61
N GLU A 16 -3.53 -7.08 -0.17
CA GLU A 16 -3.70 -8.42 0.38
C GLU A 16 -2.49 -8.78 1.21
N GLN A 17 -1.35 -8.26 0.80
CA GLN A 17 -0.11 -8.45 1.52
C GLN A 17 -0.17 -7.74 2.89
N LEU A 18 -0.54 -6.46 2.91
CA LEU A 18 -0.66 -5.75 4.17
C LEU A 18 -1.79 -6.35 4.97
N ASN A 19 -2.75 -6.85 4.24
CA ASN A 19 -3.87 -7.58 4.81
C ASN A 19 -3.37 -8.72 5.68
N SER A 20 -2.26 -9.30 5.24
CA SER A 20 -1.66 -10.44 5.93
C SER A 20 -0.71 -9.94 7.03
N MET A 21 -0.55 -8.63 7.08
CA MET A 21 0.30 -7.98 8.07
C MET A 21 -0.54 -7.50 9.24
N GLY A 22 -1.85 -7.58 9.07
CA GLY A 22 -2.77 -7.09 10.07
C GLY A 22 -3.26 -5.70 9.70
N PHE A 23 -3.06 -5.33 8.45
CA PHE A 23 -3.53 -4.06 7.92
C PHE A 23 -4.67 -4.29 6.95
N ILE A 24 -5.86 -3.92 7.37
CA ILE A 24 -7.07 -4.22 6.60
C ILE A 24 -7.81 -2.95 6.21
N ASN A 25 -7.37 -1.81 6.73
CA ASN A 25 -7.87 -0.56 6.23
C ASN A 25 -7.26 -0.34 4.87
N ARG A 26 -7.85 -0.94 3.86
CA ARG A 26 -7.29 -0.89 2.52
C ARG A 26 -7.21 0.54 2.04
N GLU A 27 -8.08 1.40 2.57
CA GLU A 27 -7.94 2.83 2.37
C GLU A 27 -6.53 3.26 2.77
N ALA A 28 -6.12 2.85 3.96
CA ALA A 28 -4.82 3.23 4.47
C ALA A 28 -3.70 2.50 3.73
N ASN A 29 -3.91 1.19 3.54
CA ASN A 29 -2.96 0.37 2.82
C ASN A 29 -2.60 0.98 1.46
N LEU A 30 -3.59 1.17 0.59
CA LEU A 30 -3.31 1.64 -0.75
C LEU A 30 -2.96 3.12 -0.78
N GLN A 31 -3.39 3.90 0.21
CA GLN A 31 -2.94 5.29 0.32
C GLN A 31 -1.43 5.32 0.49
N ALA A 32 -0.95 4.32 1.19
CA ALA A 32 0.47 4.19 1.46
C ALA A 32 1.16 3.73 0.20
N LEU A 33 0.43 2.96 -0.59
CA LEU A 33 0.92 2.48 -1.85
C LEU A 33 0.80 3.56 -2.92
N ILE A 34 -0.08 4.51 -2.73
CA ILE A 34 -0.18 5.63 -3.67
C ILE A 34 1.01 6.55 -3.49
N ALA A 35 1.41 6.74 -2.23
CA ALA A 35 2.55 7.59 -1.94
C ALA A 35 3.86 6.87 -2.24
N THR A 36 3.84 5.54 -2.28
CA THR A 36 5.04 4.76 -2.57
C THR A 36 5.04 4.23 -4.01
N GLY A 37 3.88 4.19 -4.64
CA GLY A 37 3.77 3.73 -6.01
C GLY A 37 3.87 2.22 -6.15
N GLY A 38 3.45 1.48 -5.11
CA GLY A 38 3.45 0.04 -5.21
C GLY A 38 4.60 -0.57 -4.47
N ASP A 39 5.29 0.26 -3.70
CA ASP A 39 6.42 -0.22 -2.93
C ASP A 39 5.93 -0.50 -1.54
N ILE A 40 5.44 -1.70 -1.39
CA ILE A 40 4.73 -2.08 -0.20
C ILE A 40 5.61 -2.03 1.02
N ASN A 41 6.91 -2.18 0.82
CA ASN A 41 7.86 -2.12 1.91
C ASN A 41 7.76 -0.77 2.58
N ALA A 42 7.90 0.28 1.76
CA ALA A 42 7.80 1.64 2.24
C ALA A 42 6.38 1.95 2.68
N ALA A 43 5.41 1.31 2.03
CA ALA A 43 4.02 1.42 2.45
C ALA A 43 3.88 1.02 3.93
N ILE A 44 4.50 -0.10 4.30
CA ILE A 44 4.47 -0.53 5.70
C ILE A 44 5.25 0.43 6.58
N GLU A 45 6.36 0.93 6.03
CA GLU A 45 7.21 1.88 6.74
C GLU A 45 6.48 3.20 6.98
N ARG A 46 5.45 3.44 6.17
CA ARG A 46 4.61 4.63 6.35
C ARG A 46 3.48 4.36 7.34
N LEU A 47 2.89 3.17 7.24
CA LEU A 47 1.83 2.78 8.16
C LEU A 47 2.35 2.74 9.60
N LEU A 48 3.50 2.10 9.78
CA LEU A 48 4.18 2.10 11.07
C LEU A 48 4.79 3.46 11.32
N GLY A 49 5.20 4.12 10.26
CA GLY A 49 5.83 5.40 10.38
C GLY A 49 7.17 5.28 11.04
N SER A 50 8.12 4.73 10.28
CA SER A 50 9.48 4.46 10.73
C SER A 50 9.97 5.53 11.70
N GLN A 51 9.89 5.20 12.98
CA GLN A 51 10.26 6.11 14.03
C GLN A 51 11.54 5.62 14.68
N LEU A 52 12.65 6.02 14.10
CA LEU A 52 13.96 5.58 14.55
C LEU A 52 14.83 6.79 14.88
N SER A 53 14.67 7.29 16.09
CA SER A 53 15.34 8.50 16.55
C SER A 53 14.91 9.69 15.71
N GLY A 1 7.05 -0.44 -21.65
CA GLY A 1 5.65 0.03 -21.50
C GLY A 1 5.39 0.56 -20.10
N PRO A 2 5.16 1.87 -19.95
CA PRO A 2 4.90 2.47 -18.65
C PRO A 2 3.47 2.24 -18.17
N LEU A 3 3.34 1.70 -16.96
CA LEU A 3 2.02 1.56 -16.37
C LEU A 3 1.91 2.50 -15.19
N GLY A 4 1.10 3.53 -15.34
CA GLY A 4 0.88 4.47 -14.26
C GLY A 4 -0.56 4.54 -13.86
N SER A 5 -1.44 4.04 -14.71
CA SER A 5 -2.87 4.10 -14.44
C SER A 5 -3.44 2.70 -14.27
N MET A 6 -2.78 1.93 -13.41
CA MET A 6 -3.27 0.63 -13.01
C MET A 6 -3.06 0.47 -11.50
N PRO A 7 -3.60 1.40 -10.70
CA PRO A 7 -3.26 1.52 -9.28
C PRO A 7 -3.61 0.27 -8.50
N GLU A 8 -4.88 -0.12 -8.54
CA GLU A 8 -5.36 -1.18 -7.68
C GLU A 8 -5.04 -2.54 -8.28
N VAL A 9 -4.37 -2.51 -9.41
CA VAL A 9 -3.87 -3.72 -10.04
C VAL A 9 -2.60 -4.17 -9.31
N ARG A 10 -1.84 -3.20 -8.81
CA ARG A 10 -0.66 -3.49 -8.03
C ARG A 10 -0.94 -3.32 -6.56
N PHE A 11 -1.71 -2.29 -6.24
CA PHE A 11 -2.02 -1.97 -4.87
C PHE A 11 -2.77 -3.11 -4.22
N GLN A 12 -3.88 -3.53 -4.83
CA GLN A 12 -4.73 -4.56 -4.24
C GLN A 12 -3.95 -5.83 -3.93
N GLN A 13 -2.98 -6.16 -4.78
CA GLN A 13 -2.15 -7.35 -4.57
C GLN A 13 -1.34 -7.18 -3.31
N GLN A 14 -0.69 -6.02 -3.22
CA GLN A 14 0.02 -5.68 -2.00
C GLN A 14 -0.95 -5.40 -0.85
N LEU A 15 -2.21 -5.13 -1.16
CA LEU A 15 -3.19 -4.84 -0.13
C LEU A 15 -3.60 -6.10 0.57
N GLU A 16 -3.69 -7.19 -0.19
CA GLU A 16 -3.94 -8.50 0.38
C GLU A 16 -2.69 -8.97 1.11
N GLN A 17 -1.56 -8.46 0.69
CA GLN A 17 -0.31 -8.73 1.38
C GLN A 17 -0.28 -8.04 2.75
N LEU A 18 -0.67 -6.76 2.79
CA LEU A 18 -0.73 -6.04 4.07
C LEU A 18 -1.87 -6.61 4.88
N ASN A 19 -2.89 -7.01 4.14
CA ASN A 19 -4.04 -7.72 4.67
C ASN A 19 -3.59 -8.90 5.51
N SER A 20 -2.51 -9.51 5.06
CA SER A 20 -1.96 -10.69 5.71
C SER A 20 -1.00 -10.29 6.83
N MET A 21 -0.67 -9.00 6.86
CA MET A 21 0.24 -8.46 7.87
C MET A 21 -0.55 -7.99 9.08
N GLY A 22 -1.86 -7.90 8.92
CA GLY A 22 -2.70 -7.36 9.96
C GLY A 22 -3.16 -5.96 9.63
N PHE A 23 -2.95 -5.57 8.39
CA PHE A 23 -3.38 -4.26 7.91
C PHE A 23 -4.51 -4.40 6.92
N ILE A 24 -5.70 -4.03 7.35
CA ILE A 24 -6.90 -4.22 6.55
C ILE A 24 -7.63 -2.91 6.33
N ASN A 25 -7.02 -1.82 6.77
CA ASN A 25 -7.47 -0.50 6.39
C ASN A 25 -7.02 -0.26 4.96
N ARG A 26 -7.76 -0.84 4.02
CA ARG A 26 -7.47 -0.70 2.60
C ARG A 26 -7.19 0.75 2.27
N GLU A 27 -7.96 1.62 2.89
CA GLU A 27 -7.76 3.05 2.83
C GLU A 27 -6.29 3.42 3.05
N ALA A 28 -5.79 3.10 4.24
CA ALA A 28 -4.44 3.49 4.59
C ALA A 28 -3.41 2.64 3.82
N ASN A 29 -3.70 1.35 3.68
CA ASN A 29 -2.84 0.45 2.91
C ASN A 29 -2.50 1.04 1.54
N LEU A 30 -3.52 1.21 0.69
CA LEU A 30 -3.25 1.60 -0.69
C LEU A 30 -2.87 3.07 -0.80
N GLN A 31 -3.31 3.91 0.12
CA GLN A 31 -2.90 5.32 0.09
C GLN A 31 -1.41 5.41 0.31
N ALA A 32 -0.91 4.49 1.10
CA ALA A 32 0.53 4.41 1.37
C ALA A 32 1.21 3.87 0.12
N LEU A 33 0.52 2.98 -0.58
CA LEU A 33 1.01 2.45 -1.81
C LEU A 33 0.88 3.46 -2.94
N ILE A 34 -0.02 4.43 -2.80
CA ILE A 34 -0.14 5.50 -3.78
C ILE A 34 1.07 6.42 -3.65
N ALA A 35 1.50 6.61 -2.42
CA ALA A 35 2.62 7.48 -2.14
C ALA A 35 3.95 6.81 -2.45
N THR A 36 3.96 5.48 -2.50
CA THR A 36 5.17 4.74 -2.80
C THR A 36 5.13 4.12 -4.21
N GLY A 37 3.93 3.99 -4.76
CA GLY A 37 3.76 3.41 -6.09
C GLY A 37 3.85 1.90 -6.09
N GLY A 38 3.53 1.29 -4.96
CA GLY A 38 3.55 -0.16 -4.90
C GLY A 38 4.82 -0.65 -4.28
N ASP A 39 5.51 0.25 -3.61
CA ASP A 39 6.64 -0.13 -2.80
C ASP A 39 6.11 -0.35 -1.43
N ILE A 40 5.75 -1.57 -1.15
CA ILE A 40 4.97 -1.87 0.00
C ILE A 40 5.78 -1.69 1.29
N ASN A 41 7.10 -1.81 1.18
CA ASN A 41 7.98 -1.60 2.33
C ASN A 41 7.80 -0.18 2.85
N ALA A 42 7.91 0.77 1.95
CA ALA A 42 7.74 2.17 2.30
C ALA A 42 6.28 2.46 2.63
N ALA A 43 5.37 1.67 2.07
CA ALA A 43 3.96 1.76 2.42
C ALA A 43 3.74 1.45 3.89
N ILE A 44 4.31 0.33 4.35
CA ILE A 44 4.16 -0.09 5.74
C ILE A 44 4.84 0.91 6.67
N GLU A 45 6.00 1.42 6.26
CA GLU A 45 6.74 2.37 7.09
C GLU A 45 5.96 3.67 7.22
N ARG A 46 5.08 3.95 6.25
CA ARG A 46 4.23 5.13 6.35
C ARG A 46 3.02 4.82 7.22
N LEU A 47 2.61 3.56 7.22
CA LEU A 47 1.49 3.12 8.06
C LEU A 47 1.85 3.21 9.54
N LEU A 48 3.01 2.68 9.90
CA LEU A 48 3.48 2.73 11.28
C LEU A 48 4.15 4.06 11.57
N GLY A 49 4.84 4.58 10.57
CA GLY A 49 5.62 5.78 10.74
C GLY A 49 4.78 7.03 10.88
N SER A 50 3.78 7.17 10.02
CA SER A 50 2.88 8.31 10.09
C SER A 50 1.76 8.02 11.08
N GLN A 51 2.10 8.07 12.37
CA GLN A 51 1.16 7.79 13.42
C GLN A 51 0.81 9.08 14.13
N LEU A 52 -0.17 9.76 13.59
CA LEU A 52 -0.56 11.06 14.11
C LEU A 52 -2.01 11.02 14.56
N SER A 53 -2.19 10.58 15.80
CA SER A 53 -3.50 10.52 16.42
C SER A 53 -3.33 10.44 17.93
N GLY A 1 -3.14 5.74 -23.61
CA GLY A 1 -2.03 6.27 -22.79
C GLY A 1 -1.24 5.15 -22.14
N PRO A 2 -0.16 5.49 -21.41
CA PRO A 2 0.65 4.51 -20.67
C PRO A 2 -0.15 3.81 -19.59
N LEU A 3 0.41 2.73 -19.07
CA LEU A 3 -0.26 1.95 -18.06
C LEU A 3 -0.09 2.55 -16.67
N GLY A 4 -1.12 3.27 -16.24
CA GLY A 4 -1.19 3.76 -14.88
C GLY A 4 -2.58 3.59 -14.32
N SER A 5 -3.51 3.23 -15.20
CA SER A 5 -4.88 3.01 -14.79
C SER A 5 -5.07 1.56 -14.38
N MET A 6 -4.17 1.10 -13.52
CA MET A 6 -4.22 -0.24 -12.97
C MET A 6 -3.84 -0.19 -11.50
N PRO A 7 -4.46 0.70 -10.71
CA PRO A 7 -4.03 0.94 -9.33
C PRO A 7 -4.08 -0.32 -8.49
N GLU A 8 -5.13 -1.12 -8.65
CA GLU A 8 -5.32 -2.29 -7.81
C GLU A 8 -4.52 -3.48 -8.35
N VAL A 9 -4.02 -3.36 -9.56
CA VAL A 9 -3.13 -4.36 -10.11
C VAL A 9 -1.82 -4.36 -9.33
N ARG A 10 -1.47 -3.20 -8.79
CA ARG A 10 -0.34 -3.09 -7.89
C ARG A 10 -0.83 -3.09 -6.44
N PHE A 11 -1.71 -2.14 -6.14
CA PHE A 11 -2.14 -1.88 -4.77
C PHE A 11 -2.83 -3.09 -4.18
N GLN A 12 -3.89 -3.59 -4.83
CA GLN A 12 -4.73 -4.64 -4.24
C GLN A 12 -3.92 -5.88 -3.91
N GLN A 13 -2.96 -6.19 -4.77
CA GLN A 13 -2.06 -7.32 -4.54
C GLN A 13 -1.31 -7.12 -3.25
N GLN A 14 -0.70 -5.96 -3.15
CA GLN A 14 0.02 -5.59 -1.96
C GLN A 14 -0.92 -5.34 -0.79
N LEU A 15 -2.18 -5.07 -1.07
CA LEU A 15 -3.17 -4.83 -0.03
C LEU A 15 -3.56 -6.12 0.65
N GLU A 16 -3.61 -7.20 -0.12
CA GLU A 16 -3.82 -8.53 0.44
C GLU A 16 -2.57 -8.96 1.21
N GLN A 17 -1.44 -8.45 0.76
CA GLN A 17 -0.18 -8.68 1.44
C GLN A 17 -0.18 -8.00 2.81
N LEU A 18 -0.59 -6.73 2.84
CA LEU A 18 -0.68 -6.00 4.11
C LEU A 18 -1.83 -6.56 4.92
N ASN A 19 -2.82 -7.03 4.19
CA ASN A 19 -3.96 -7.74 4.76
C ASN A 19 -3.49 -8.88 5.64
N SER A 20 -2.37 -9.44 5.24
CA SER A 20 -1.77 -10.57 5.95
C SER A 20 -0.85 -10.07 7.06
N MET A 21 -0.50 -8.78 7.00
CA MET A 21 0.37 -8.14 7.99
C MET A 21 -0.44 -7.67 9.18
N GLY A 22 -1.75 -7.71 9.01
CA GLY A 22 -2.64 -7.20 10.03
C GLY A 22 -3.13 -5.82 9.67
N PHE A 23 -2.86 -5.43 8.43
CA PHE A 23 -3.30 -4.15 7.92
C PHE A 23 -4.44 -4.34 6.92
N ILE A 24 -5.62 -3.94 7.33
CA ILE A 24 -6.83 -4.16 6.53
C ILE A 24 -7.59 -2.88 6.32
N ASN A 25 -6.97 -1.77 6.68
CA ASN A 25 -7.51 -0.47 6.36
C ASN A 25 -7.18 -0.19 4.92
N ARG A 26 -7.96 -0.77 4.02
CA ARG A 26 -7.67 -0.76 2.59
C ARG A 26 -7.29 0.62 2.11
N GLU A 27 -8.04 1.63 2.54
CA GLU A 27 -7.75 3.01 2.17
C GLU A 27 -6.35 3.40 2.63
N ALA A 28 -6.04 3.14 3.89
CA ALA A 28 -4.74 3.49 4.44
C ALA A 28 -3.63 2.70 3.73
N ASN A 29 -3.85 1.40 3.62
CA ASN A 29 -2.95 0.52 2.90
C ASN A 29 -2.57 1.09 1.55
N LEU A 30 -3.55 1.24 0.66
CA LEU A 30 -3.25 1.63 -0.71
C LEU A 30 -2.86 3.08 -0.83
N GLN A 31 -3.30 3.93 0.10
CA GLN A 31 -2.87 5.34 0.10
C GLN A 31 -1.38 5.42 0.36
N ALA A 32 -0.90 4.47 1.14
CA ALA A 32 0.51 4.37 1.43
C ALA A 32 1.21 3.83 0.19
N LEU A 33 0.51 2.97 -0.52
CA LEU A 33 1.00 2.44 -1.78
C LEU A 33 0.91 3.49 -2.88
N ILE A 34 0.00 4.45 -2.75
CA ILE A 34 -0.10 5.53 -3.71
C ILE A 34 1.13 6.41 -3.60
N ALA A 35 1.47 6.77 -2.37
CA ALA A 35 2.64 7.61 -2.11
C ALA A 35 3.94 6.89 -2.47
N THR A 36 3.95 5.57 -2.38
CA THR A 36 5.14 4.81 -2.68
C THR A 36 5.12 4.23 -4.10
N GLY A 37 3.93 4.18 -4.69
CA GLY A 37 3.79 3.66 -6.04
C GLY A 37 3.73 2.15 -6.07
N GLY A 38 3.38 1.54 -4.94
CA GLY A 38 3.32 0.10 -4.87
C GLY A 38 4.59 -0.47 -4.31
N ASP A 39 5.36 0.41 -3.68
CA ASP A 39 6.59 0.02 -3.01
C ASP A 39 6.19 -0.30 -1.59
N ILE A 40 5.80 -1.53 -1.37
CA ILE A 40 4.98 -1.86 -0.24
C ILE A 40 5.76 -1.84 1.08
N ASN A 41 7.06 -2.08 1.01
CA ASN A 41 7.88 -2.05 2.21
C ASN A 41 7.81 -0.66 2.82
N ALA A 42 7.90 0.34 1.95
CA ALA A 42 7.79 1.73 2.35
C ALA A 42 6.34 2.07 2.70
N ALA A 43 5.40 1.39 2.04
CA ALA A 43 3.99 1.51 2.40
C ALA A 43 3.76 1.09 3.85
N ILE A 44 4.40 0.00 4.28
CA ILE A 44 4.31 -0.45 5.67
C ILE A 44 4.97 0.58 6.57
N GLU A 45 6.08 1.13 6.09
CA GLU A 45 6.79 2.20 6.80
C GLU A 45 5.87 3.39 7.03
N ARG A 46 4.92 3.59 6.11
CA ARG A 46 3.95 4.68 6.25
C ARG A 46 2.86 4.30 7.26
N LEU A 47 2.38 3.07 7.16
CA LEU A 47 1.30 2.58 8.02
C LEU A 47 1.72 2.54 9.48
N LEU A 48 2.92 2.03 9.73
CA LEU A 48 3.52 2.10 11.05
C LEU A 48 3.94 3.52 11.33
N GLY A 49 4.40 4.19 10.29
CA GLY A 49 4.96 5.50 10.48
C GLY A 49 6.30 5.40 11.11
N SER A 50 7.26 4.97 10.29
CA SER A 50 8.64 4.74 10.70
C SER A 50 9.05 5.62 11.88
N GLN A 51 8.99 5.04 13.06
CA GLN A 51 9.30 5.73 14.27
C GLN A 51 10.69 5.32 14.71
N LEU A 52 11.66 6.03 14.18
CA LEU A 52 13.04 5.67 14.39
C LEU A 52 13.74 6.77 15.18
N SER A 53 13.42 6.80 16.47
CA SER A 53 14.01 7.75 17.39
C SER A 53 13.98 7.15 18.79
N GLY A 1 2.56 0.84 -23.99
CA GLY A 1 2.57 1.70 -22.79
C GLY A 1 1.86 1.04 -21.63
N PRO A 2 2.55 0.88 -20.49
CA PRO A 2 1.96 0.26 -19.30
C PRO A 2 0.84 1.12 -18.70
N LEU A 3 -0.28 0.49 -18.38
CA LEU A 3 -1.40 1.21 -17.83
C LEU A 3 -1.22 1.43 -16.34
N GLY A 4 -0.79 2.63 -15.99
CA GLY A 4 -0.68 2.99 -14.59
C GLY A 4 -2.05 3.20 -13.97
N SER A 5 -3.06 3.28 -14.82
CA SER A 5 -4.42 3.45 -14.36
C SER A 5 -5.06 2.10 -14.11
N MET A 6 -4.33 1.28 -13.38
CA MET A 6 -4.80 0.00 -12.91
C MET A 6 -4.32 -0.18 -11.47
N PRO A 7 -4.63 0.76 -10.59
CA PRO A 7 -4.06 0.81 -9.25
C PRO A 7 -4.29 -0.48 -8.49
N GLU A 8 -5.52 -0.98 -8.51
CA GLU A 8 -5.85 -2.17 -7.70
C GLU A 8 -5.41 -3.45 -8.40
N VAL A 9 -4.59 -3.30 -9.42
CA VAL A 9 -3.92 -4.44 -10.03
C VAL A 9 -2.53 -4.61 -9.41
N ARG A 10 -1.97 -3.50 -8.95
CA ARG A 10 -0.66 -3.49 -8.28
C ARG A 10 -0.88 -3.35 -6.78
N PHE A 11 -1.72 -2.37 -6.44
CA PHE A 11 -2.01 -2.03 -5.08
C PHE A 11 -2.64 -3.21 -4.37
N GLN A 12 -3.68 -3.78 -4.96
CA GLN A 12 -4.43 -4.85 -4.31
C GLN A 12 -3.54 -6.04 -3.97
N GLN A 13 -2.53 -6.31 -4.80
CA GLN A 13 -1.61 -7.40 -4.54
C GLN A 13 -0.82 -7.11 -3.28
N GLN A 14 -0.27 -5.91 -3.22
CA GLN A 14 0.42 -5.48 -2.01
C GLN A 14 -0.58 -5.29 -0.87
N LEU A 15 -1.85 -5.13 -1.21
CA LEU A 15 -2.90 -4.95 -0.23
C LEU A 15 -3.28 -6.26 0.42
N GLU A 16 -3.26 -7.35 -0.35
CA GLU A 16 -3.44 -8.69 0.20
C GLU A 16 -2.28 -8.99 1.13
N GLN A 17 -1.13 -8.49 0.75
CA GLN A 17 0.08 -8.64 1.54
C GLN A 17 -0.07 -7.96 2.90
N LEU A 18 -0.44 -6.68 2.88
CA LEU A 18 -0.66 -5.93 4.12
C LEU A 18 -1.82 -6.53 4.86
N ASN A 19 -2.78 -6.98 4.08
CA ASN A 19 -3.96 -7.66 4.58
C ASN A 19 -3.57 -8.82 5.45
N SER A 20 -2.46 -9.43 5.08
CA SER A 20 -1.96 -10.63 5.76
C SER A 20 -1.07 -10.22 6.93
N MET A 21 -0.68 -8.95 6.94
CA MET A 21 0.16 -8.37 7.97
C MET A 21 -0.69 -7.98 9.18
N GLY A 22 -1.99 -7.88 8.94
CA GLY A 22 -2.89 -7.38 9.95
C GLY A 22 -3.34 -5.97 9.61
N PHE A 23 -3.02 -5.56 8.39
CA PHE A 23 -3.40 -4.24 7.90
C PHE A 23 -4.57 -4.34 6.94
N ILE A 24 -5.73 -3.95 7.42
CA ILE A 24 -6.96 -4.05 6.63
C ILE A 24 -7.67 -2.72 6.54
N ASN A 25 -6.97 -1.64 6.86
CA ASN A 25 -7.50 -0.31 6.61
C ASN A 25 -7.18 0.02 5.18
N ARG A 26 -8.02 -0.44 4.28
CA ARG A 26 -7.77 -0.35 2.85
C ARG A 26 -7.28 1.02 2.46
N GLU A 27 -7.99 2.03 2.91
CA GLU A 27 -7.61 3.41 2.63
C GLU A 27 -6.16 3.68 3.05
N ALA A 28 -5.81 3.32 4.29
CA ALA A 28 -4.46 3.52 4.79
C ALA A 28 -3.47 2.73 3.95
N ASN A 29 -3.75 1.44 3.78
CA ASN A 29 -2.94 0.55 2.97
C ASN A 29 -2.63 1.15 1.59
N LEU A 30 -3.66 1.37 0.79
CA LEU A 30 -3.44 1.80 -0.58
C LEU A 30 -3.00 3.26 -0.68
N GLN A 31 -3.35 4.08 0.31
CA GLN A 31 -2.85 5.46 0.35
C GLN A 31 -1.34 5.45 0.47
N ALA A 32 -0.87 4.46 1.21
CA ALA A 32 0.55 4.31 1.43
C ALA A 32 1.17 3.80 0.14
N LEU A 33 0.40 3.02 -0.58
CA LEU A 33 0.81 2.50 -1.85
C LEU A 33 0.67 3.56 -2.94
N ILE A 34 -0.15 4.58 -2.70
CA ILE A 34 -0.26 5.70 -3.62
C ILE A 34 1.04 6.49 -3.59
N ALA A 35 1.49 6.80 -2.39
CA ALA A 35 2.69 7.60 -2.22
C ALA A 35 3.95 6.80 -2.55
N THR A 36 3.86 5.48 -2.51
CA THR A 36 5.02 4.65 -2.83
C THR A 36 4.92 4.06 -4.24
N GLY A 37 3.72 4.05 -4.80
CA GLY A 37 3.51 3.54 -6.15
C GLY A 37 3.68 2.03 -6.26
N GLY A 38 3.46 1.31 -5.15
CA GLY A 38 3.57 -0.13 -5.19
C GLY A 38 4.80 -0.62 -4.47
N ASP A 39 5.32 0.23 -3.60
CA ASP A 39 6.46 -0.15 -2.78
C ASP A 39 5.94 -0.44 -1.41
N ILE A 40 5.54 -1.68 -1.25
CA ILE A 40 4.77 -2.10 -0.11
C ILE A 40 5.59 -1.98 1.17
N ASN A 41 6.89 -2.12 1.04
CA ASN A 41 7.78 -2.01 2.19
C ASN A 41 7.66 -0.62 2.79
N ALA A 42 7.71 0.38 1.92
CA ALA A 42 7.60 1.76 2.32
C ALA A 42 6.16 2.09 2.67
N ALA A 43 5.21 1.40 2.02
CA ALA A 43 3.81 1.49 2.40
C ALA A 43 3.63 1.18 3.88
N ILE A 44 4.29 0.12 4.35
CA ILE A 44 4.23 -0.25 5.77
C ILE A 44 4.94 0.80 6.60
N GLU A 45 6.04 1.30 6.05
CA GLU A 45 6.77 2.40 6.70
C GLU A 45 5.89 3.63 6.81
N ARG A 46 4.83 3.69 6.01
CA ARG A 46 3.91 4.82 6.09
C ARG A 46 2.83 4.55 7.12
N LEU A 47 2.32 3.32 7.11
CA LEU A 47 1.29 2.91 8.05
C LEU A 47 1.80 2.98 9.48
N LEU A 48 2.98 2.45 9.69
CA LEU A 48 3.63 2.50 10.99
C LEU A 48 4.18 3.89 11.24
N GLY A 49 4.71 4.49 10.19
CA GLY A 49 5.39 5.74 10.34
C GLY A 49 6.81 5.49 10.67
N SER A 50 7.64 5.46 9.63
CA SER A 50 9.08 5.24 9.74
C SER A 50 9.63 5.74 11.07
N GLN A 51 9.86 4.79 11.97
CA GLN A 51 10.35 5.07 13.30
C GLN A 51 11.73 4.47 13.44
N LEU A 52 12.73 5.25 13.04
CA LEU A 52 14.09 4.77 13.05
C LEU A 52 14.87 5.51 14.12
N SER A 53 14.67 5.10 15.36
CA SER A 53 15.33 5.71 16.49
C SER A 53 15.48 4.68 17.61
#